data_7RXP
#
_entry.id   7RXP
#
_cell.length_a   73.012
_cell.length_b   84.149
_cell.length_c   90.217
_cell.angle_alpha   90.00
_cell.angle_beta   90.00
_cell.angle_gamma   90.00
#
_symmetry.space_group_name_H-M   'P 21 21 21'
#
loop_
_entity.id
_entity.type
_entity.pdbx_description
1 polymer 'Fab1512 light chain'
2 polymer 'Fab1512 heavy chain'
3 polymer 'Circumsporozoite protein'
4 water water
#
loop_
_entity_poly.entity_id
_entity_poly.type
_entity_poly.pdbx_seq_one_letter_code
_entity_poly.pdbx_strand_id
1 'polypeptide(L)'
;DIVMTQSPLSLPVTPGEPASISCRSSQSLLHSNGKNYLDWYLQKPGQSPQLLIYLGSDRASGVPDRFSGSGSGTDFTLSI
SRVEAEDVGVYYCMQALQTPFTFGPGTKVDIKRTVAAPSVFIFPPSDEQLKSGTASVVCLLNNFYPREAKVQWKVDNALQ
SGNSQESVTEQDSKDSTYSLSSTLTLSKADYEKHKVYACEVTHQGLSSPVTKSFNRGEC
;
L
2 'polypeptide(L)'
;KVQLVQSGGGVVQPGRSQRLSCAASGLTLSEYAMHWVRQAPGKGLEWVAVILSDGTKKEYADSVKGRFTISRDNSKNTLY
LQMNSLRAEDTAVYYCATDDNILGHCRSKSCQRNYYHGMDVWGQGTTVSVSSASTKGPSVFPLAPSSKSTSGGTAALGCL
VKDYFPEPVTVSWNSGALTSGVHTFPAVLQSSGLYSLSSVVTVPSSSLGTQTYICNVNHKPSNTKVDKKVEPKSC
;
H
3 'polypeptide(L)' EEPSDKHIKEYLNKIQNSLSTEWSPCSVTCGNGIQVRIKPGSANKPKDELDYANDIEKKICKMEKCS A
#
# COMPACT_ATOMS: atom_id res chain seq x y z
N ASP A 1 -21.33 2.49 12.33
CA ASP A 1 -20.64 1.95 11.13
C ASP A 1 -20.43 0.45 11.31
N ILE A 2 -20.39 -0.30 10.21
CA ILE A 2 -20.13 -1.74 10.31
C ILE A 2 -18.64 -1.94 10.56
N VAL A 3 -18.32 -2.77 11.54
CA VAL A 3 -16.93 -3.01 11.92
C VAL A 3 -16.47 -4.32 11.30
N MET A 4 -15.32 -4.30 10.64
CA MET A 4 -14.78 -5.46 9.94
C MET A 4 -13.51 -5.86 10.67
N THR A 5 -13.35 -7.17 10.87
CA THR A 5 -12.17 -7.76 11.51
C THR A 5 -11.60 -8.84 10.61
N GLN A 6 -10.28 -9.03 10.69
CA GLN A 6 -9.66 -10.08 9.91
C GLN A 6 -8.73 -10.90 10.81
N SER A 7 -8.56 -12.17 10.46
CA SER A 7 -7.52 -12.99 11.14
C SER A 7 -7.01 -14.02 10.16
N PRO A 8 -5.72 -14.33 10.18
CA PRO A 8 -4.69 -13.69 11.01
C PRO A 8 -4.31 -12.33 10.44
N LEU A 9 -3.49 -11.57 11.16
CA LEU A 9 -3.00 -10.29 10.64
C LEU A 9 -1.72 -10.45 9.84
N SER A 10 -0.95 -11.51 10.11
CA SER A 10 0.26 -11.83 9.37
C SER A 10 0.17 -13.29 8.97
N LEU A 11 0.45 -13.56 7.70
CA LEU A 11 0.22 -14.88 7.14
C LEU A 11 1.37 -15.27 6.23
N PRO A 12 2.40 -15.91 6.76
CA PRO A 12 3.45 -16.47 5.92
C PRO A 12 3.02 -17.80 5.32
N VAL A 13 3.28 -17.98 4.03
CA VAL A 13 2.81 -19.17 3.33
C VAL A 13 4.00 -19.89 2.67
N THR A 14 4.23 -21.13 3.06
CA THR A 14 5.23 -21.96 2.37
C THR A 14 4.83 -22.19 0.93
N PRO A 15 5.77 -22.08 -0.03
CA PRO A 15 5.43 -22.37 -1.43
C PRO A 15 4.80 -23.74 -1.57
N GLY A 16 3.71 -23.78 -2.34
CA GLY A 16 2.96 -25.00 -2.54
C GLY A 16 1.77 -25.19 -1.63
N GLU A 17 1.75 -24.53 -0.46
CA GLU A 17 0.70 -24.70 0.52
C GLU A 17 -0.41 -23.69 0.26
N PRO A 18 -1.64 -24.05 0.60
CA PRO A 18 -2.73 -23.07 0.51
C PRO A 18 -2.71 -22.12 1.70
N ALA A 19 -3.51 -21.07 1.57
CA ALA A 19 -3.65 -20.07 2.61
C ALA A 19 -5.12 -19.69 2.73
N SER A 20 -5.49 -19.19 3.91
CA SER A 20 -6.87 -18.83 4.18
C SER A 20 -6.88 -17.61 5.09
N ILE A 21 -7.74 -16.65 4.78
CA ILE A 21 -7.92 -15.44 5.56
C ILE A 21 -9.38 -15.33 5.96
N SER A 22 -9.63 -15.06 7.23
N SER A 22 -9.63 -15.04 7.22
CA SER A 22 -10.98 -14.91 7.76
CA SER A 22 -10.98 -14.90 7.75
C SER A 22 -11.35 -13.43 7.85
C SER A 22 -11.36 -13.43 7.87
N CYS A 23 -12.62 -13.13 7.58
CA CYS A 23 -13.17 -11.78 7.67
C CYS A 23 -14.51 -11.90 8.38
N ARG A 24 -14.73 -11.04 9.37
CA ARG A 24 -15.99 -11.00 10.10
C ARG A 24 -16.53 -9.58 10.07
N SER A 25 -17.85 -9.46 9.95
CA SER A 25 -18.53 -8.17 10.04
C SER A 25 -19.40 -8.16 11.29
N SER A 26 -19.65 -6.95 11.81
CA SER A 26 -20.44 -6.75 13.03
C SER A 26 -21.93 -6.80 12.78
N GLN A 27 -22.34 -6.91 11.52
CA GLN A 27 -23.73 -6.91 11.12
C GLN A 27 -23.79 -7.75 9.86
N SER A 28 -24.86 -8.49 9.68
CA SER A 28 -24.96 -9.31 8.48
C SER A 28 -24.84 -8.48 7.22
N LEU A 29 -24.13 -9.04 6.23
CA LEU A 29 -23.99 -8.43 4.92
C LEU A 29 -24.86 -9.10 3.87
N LEU A 30 -25.75 -10.01 4.30
CA LEU A 30 -26.71 -10.64 3.41
C LEU A 30 -27.92 -9.73 3.18
N HIS A 31 -28.11 -9.30 1.93
CA HIS A 31 -29.15 -8.37 1.55
C HIS A 31 -30.40 -9.16 1.21
N SER A 32 -31.55 -8.47 1.27
N SER A 32 -31.54 -8.46 1.26
CA SER A 32 -32.81 -9.10 0.88
CA SER A 32 -32.81 -9.07 0.87
C SER A 32 -32.78 -9.62 -0.55
C SER A 32 -32.75 -9.65 -0.53
N ASN A 33 -31.95 -9.05 -1.42
CA ASN A 33 -31.85 -9.49 -2.80
C ASN A 33 -31.05 -10.78 -2.96
N GLY A 34 -30.52 -11.32 -1.87
CA GLY A 34 -29.82 -12.59 -1.91
C GLY A 34 -28.31 -12.49 -1.96
N LYS A 35 -27.74 -11.31 -2.16
CA LYS A 35 -26.30 -11.16 -2.26
C LYS A 35 -25.70 -10.83 -0.91
N ASN A 36 -24.46 -11.32 -0.70
CA ASN A 36 -23.64 -10.96 0.43
C ASN A 36 -22.66 -9.90 -0.02
N TYR A 37 -22.75 -8.69 0.55
CA TYR A 37 -22.01 -7.51 0.04
C TYR A 37 -20.62 -7.44 0.71
N LEU A 38 -19.76 -8.36 0.29
CA LEU A 38 -18.42 -8.46 0.84
C LEU A 38 -17.41 -8.54 -0.30
N ASP A 39 -16.44 -7.63 -0.30
CA ASP A 39 -15.37 -7.64 -1.30
C ASP A 39 -14.05 -8.05 -0.66
N TRP A 40 -13.14 -8.59 -1.47
CA TRP A 40 -11.74 -8.73 -1.09
C TRP A 40 -10.87 -7.97 -2.08
N TYR A 41 -9.90 -7.22 -1.57
CA TYR A 41 -8.90 -6.48 -2.34
C TYR A 41 -7.51 -6.94 -1.92
N LEU A 42 -6.61 -6.91 -2.88
CA LEU A 42 -5.18 -7.09 -2.67
C LEU A 42 -4.45 -5.78 -2.97
N GLN A 43 -3.53 -5.40 -2.10
CA GLN A 43 -2.64 -4.28 -2.37
C GLN A 43 -1.20 -4.80 -2.35
N LYS A 44 -0.60 -4.91 -3.52
CA LYS A 44 0.79 -5.32 -3.63
C LYS A 44 1.68 -4.15 -3.26
N PRO A 45 2.92 -4.43 -2.86
CA PRO A 45 3.78 -3.33 -2.41
C PRO A 45 3.93 -2.23 -3.44
N GLY A 46 3.70 -1.00 -3.01
CA GLY A 46 3.84 0.15 -3.88
C GLY A 46 2.79 0.28 -4.96
N GLN A 47 1.69 -0.48 -4.89
CA GLN A 47 0.68 -0.47 -5.94
C GLN A 47 -0.65 0.00 -5.38
N SER A 48 -1.57 0.33 -6.28
CA SER A 48 -2.94 0.58 -5.86
C SER A 48 -3.63 -0.72 -5.46
N PRO A 49 -4.66 -0.66 -4.63
CA PRO A 49 -5.46 -1.86 -4.38
C PRO A 49 -6.06 -2.38 -5.67
N GLN A 50 -6.31 -3.70 -5.71
CA GLN A 50 -6.99 -4.29 -6.85
C GLN A 50 -8.08 -5.26 -6.38
N LEU A 51 -9.19 -5.31 -7.10
CA LEU A 51 -10.28 -6.18 -6.69
C LEU A 51 -9.97 -7.64 -6.99
N LEU A 52 -10.19 -8.50 -6.00
CA LEU A 52 -10.11 -9.94 -6.17
C LEU A 52 -11.49 -10.58 -6.26
N ILE A 53 -12.33 -10.34 -5.27
CA ILE A 53 -13.60 -11.05 -5.10
C ILE A 53 -14.66 -10.01 -4.78
N TYR A 54 -15.85 -10.15 -5.37
CA TYR A 54 -16.97 -9.30 -5.01
C TYR A 54 -18.20 -10.16 -4.73
N LEU A 55 -19.13 -9.59 -3.97
CA LEU A 55 -20.34 -10.27 -3.56
C LEU A 55 -20.01 -11.63 -2.92
N GLY A 56 -18.95 -11.66 -2.12
CA GLY A 56 -18.61 -12.85 -1.36
C GLY A 56 -17.86 -13.92 -2.10
N SER A 57 -18.29 -14.23 -3.33
N SER A 57 -18.29 -14.23 -3.33
CA SER A 57 -17.73 -15.39 -4.03
CA SER A 57 -17.75 -15.39 -4.03
C SER A 57 -17.47 -15.19 -5.51
C SER A 57 -17.43 -15.17 -5.50
N ASP A 58 -17.76 -14.03 -6.09
CA ASP A 58 -17.48 -13.81 -7.51
C ASP A 58 -16.05 -13.32 -7.77
N ARG A 59 -15.36 -13.99 -8.70
CA ARG A 59 -14.02 -13.53 -9.06
C ARG A 59 -14.11 -12.35 -10.02
N ALA A 60 -13.28 -11.33 -9.77
CA ALA A 60 -13.20 -10.20 -10.68
C ALA A 60 -12.46 -10.60 -11.96
N SER A 61 -12.60 -9.76 -12.98
N SER A 61 -12.60 -9.76 -12.98
CA SER A 61 -11.95 -10.03 -14.25
CA SER A 61 -11.94 -10.02 -14.25
C SER A 61 -10.44 -10.09 -14.07
C SER A 61 -10.43 -10.09 -14.07
N GLY A 62 -9.81 -11.10 -14.65
CA GLY A 62 -8.37 -11.21 -14.61
C GLY A 62 -7.81 -11.81 -13.34
N VAL A 63 -8.64 -12.19 -12.38
CA VAL A 63 -8.17 -12.76 -11.12
C VAL A 63 -7.92 -14.25 -11.29
N PRO A 64 -6.74 -14.75 -10.95
CA PRO A 64 -6.45 -16.19 -11.10
C PRO A 64 -7.36 -17.10 -10.28
N ASP A 65 -7.51 -18.32 -10.80
CA ASP A 65 -8.34 -19.34 -10.16
C ASP A 65 -7.95 -19.62 -8.72
N ARG A 66 -6.67 -19.43 -8.36
CA ARG A 66 -6.23 -19.82 -7.03
C ARG A 66 -6.93 -19.03 -5.95
N PHE A 67 -7.52 -17.88 -6.29
CA PHE A 67 -8.28 -17.08 -5.35
C PHE A 67 -9.75 -17.52 -5.35
N SER A 68 -10.29 -17.80 -4.17
CA SER A 68 -11.72 -18.05 -4.05
C SER A 68 -12.25 -17.41 -2.77
N GLY A 69 -13.49 -16.96 -2.83
CA GLY A 69 -14.17 -16.42 -1.66
C GLY A 69 -15.38 -17.24 -1.32
N SER A 70 -15.63 -17.42 -0.02
CA SER A 70 -16.76 -18.18 0.52
C SER A 70 -17.37 -17.44 1.70
N GLY A 71 -18.58 -17.83 2.09
CA GLY A 71 -19.16 -17.35 3.33
C GLY A 71 -20.49 -16.65 3.11
N SER A 72 -21.07 -16.23 4.22
N SER A 72 -21.06 -16.22 4.22
CA SER A 72 -22.36 -15.55 4.16
CA SER A 72 -22.37 -15.60 4.20
C SER A 72 -22.64 -14.88 5.51
C SER A 72 -22.65 -14.89 5.52
N GLY A 73 -23.52 -13.89 5.47
CA GLY A 73 -23.92 -13.18 6.67
C GLY A 73 -22.80 -12.35 7.27
N THR A 74 -22.20 -12.85 8.35
CA THR A 74 -21.13 -12.15 9.01
C THR A 74 -19.78 -12.85 8.96
N ASP A 75 -19.66 -13.98 8.26
CA ASP A 75 -18.49 -14.86 8.31
C ASP A 75 -18.04 -15.19 6.89
N PHE A 76 -16.85 -14.76 6.53
CA PHE A 76 -16.32 -14.91 5.18
C PHE A 76 -14.86 -15.31 5.21
N THR A 77 -14.46 -16.01 4.13
N THR A 77 -14.45 -16.01 4.15
CA THR A 77 -13.11 -16.52 3.97
CA THR A 77 -13.07 -16.47 4.03
C THR A 77 -12.59 -16.29 2.56
C THR A 77 -12.57 -16.32 2.60
N LEU A 78 -11.35 -15.81 2.48
CA LEU A 78 -10.60 -15.81 1.23
C LEU A 78 -9.66 -17.00 1.27
N SER A 79 -9.71 -17.85 0.25
CA SER A 79 -8.80 -18.99 0.17
C SER A 79 -7.89 -18.84 -1.03
N ILE A 80 -6.61 -19.13 -0.84
CA ILE A 80 -5.64 -19.00 -1.92
C ILE A 80 -4.99 -20.37 -2.00
N SER A 81 -5.24 -21.10 -3.10
CA SER A 81 -4.81 -22.49 -3.15
C SER A 81 -3.30 -22.60 -3.16
N ARG A 82 -2.61 -21.54 -3.58
CA ARG A 82 -1.16 -21.44 -3.49
C ARG A 82 -0.80 -19.97 -3.58
N VAL A 83 0.34 -19.60 -2.98
CA VAL A 83 0.74 -18.22 -2.92
C VAL A 83 2.03 -18.09 -3.70
N GLU A 84 1.92 -17.49 -4.89
CA GLU A 84 3.06 -17.15 -5.70
C GLU A 84 3.74 -15.87 -5.21
N ALA A 85 4.98 -15.68 -5.61
CA ALA A 85 5.69 -14.47 -5.21
C ALA A 85 4.90 -13.22 -5.58
N GLU A 86 4.18 -13.26 -6.70
CA GLU A 86 3.41 -12.09 -7.12
C GLU A 86 2.14 -11.86 -6.30
N ASP A 87 1.80 -12.77 -5.39
CA ASP A 87 0.63 -12.62 -4.54
C ASP A 87 0.95 -12.00 -3.19
N VAL A 88 2.21 -11.63 -2.94
N VAL A 88 2.22 -11.64 -2.93
CA VAL A 88 2.58 -11.04 -1.66
CA VAL A 88 2.57 -11.05 -1.66
C VAL A 88 2.00 -9.62 -1.58
C VAL A 88 1.98 -9.63 -1.58
N GLY A 89 1.53 -9.26 -0.39
CA GLY A 89 0.95 -7.95 -0.18
C GLY A 89 -0.02 -8.03 0.97
N VAL A 90 -0.91 -7.04 1.03
CA VAL A 90 -1.87 -6.93 2.11
C VAL A 90 -3.27 -7.16 1.53
N TYR A 91 -4.00 -8.09 2.12
CA TYR A 91 -5.37 -8.46 1.71
C TYR A 91 -6.38 -7.78 2.64
N TYR A 92 -7.35 -7.06 2.06
CA TYR A 92 -8.37 -6.37 2.83
C TYR A 92 -9.73 -6.94 2.46
N CYS A 93 -10.56 -7.26 3.46
CA CYS A 93 -11.98 -7.35 3.12
C CYS A 93 -12.67 -5.98 3.31
N MET A 94 -13.82 -5.80 2.63
CA MET A 94 -14.56 -4.55 2.68
C MET A 94 -16.03 -4.90 2.56
N GLN A 95 -16.87 -4.38 3.45
CA GLN A 95 -18.29 -4.49 3.25
C GLN A 95 -18.74 -3.36 2.35
N ALA A 96 -19.66 -3.69 1.42
CA ALA A 96 -20.28 -2.77 0.47
C ALA A 96 -21.79 -2.78 0.63
N LEU A 97 -22.27 -3.23 1.79
CA LEU A 97 -23.70 -3.29 2.03
C LEU A 97 -24.31 -1.90 2.11
N GLN A 98 -23.67 -1.03 2.87
CA GLN A 98 -24.13 0.35 3.02
C GLN A 98 -22.93 1.23 3.36
N THR A 99 -23.08 2.51 3.06
CA THR A 99 -22.10 3.53 3.38
C THR A 99 -22.17 3.84 4.88
N PRO A 100 -21.03 4.21 5.50
CA PRO A 100 -19.72 4.18 4.86
C PRO A 100 -19.26 2.75 4.60
N PHE A 101 -18.74 2.48 3.41
CA PHE A 101 -18.00 1.25 3.19
C PHE A 101 -16.88 1.18 4.21
N THR A 102 -16.64 0.00 4.75
CA THR A 102 -15.64 -0.15 5.78
C THR A 102 -14.77 -1.36 5.49
N PHE A 103 -13.51 -1.23 5.82
CA PHE A 103 -12.50 -2.23 5.51
C PHE A 103 -12.04 -2.95 6.78
N GLY A 104 -11.62 -4.20 6.62
CA GLY A 104 -10.86 -4.90 7.61
C GLY A 104 -9.53 -4.21 7.76
N PRO A 105 -8.72 -4.67 8.74
CA PRO A 105 -7.43 -4.02 9.02
C PRO A 105 -6.32 -4.41 8.07
N GLY A 106 -6.51 -5.48 7.31
CA GLY A 106 -5.49 -5.98 6.43
C GLY A 106 -4.79 -7.20 6.99
N THR A 107 -4.50 -8.15 6.11
CA THR A 107 -3.67 -9.31 6.41
C THR A 107 -2.47 -9.30 5.49
N LYS A 108 -1.28 -9.31 6.08
CA LYS A 108 -0.03 -9.24 5.32
C LYS A 108 0.45 -10.66 5.04
N VAL A 109 0.58 -11.00 3.76
CA VAL A 109 1.00 -12.31 3.29
C VAL A 109 2.42 -12.19 2.77
N ASP A 110 3.29 -13.12 3.14
CA ASP A 110 4.62 -13.17 2.55
C ASP A 110 4.96 -14.63 2.29
N ILE A 111 6.08 -14.84 1.60
CA ILE A 111 6.53 -16.19 1.26
C ILE A 111 7.33 -16.73 2.44
N LYS A 112 6.92 -17.88 2.95
CA LYS A 112 7.60 -18.54 4.07
C LYS A 112 8.79 -19.34 3.54
N ARG A 113 9.97 -19.02 4.03
CA ARG A 113 11.17 -19.73 3.65
C ARG A 113 11.83 -20.27 4.91
N THR A 114 12.92 -21.02 4.71
CA THR A 114 13.69 -21.50 5.85
C THR A 114 14.16 -20.31 6.66
N VAL A 115 14.08 -20.45 7.99
CA VAL A 115 14.50 -19.38 8.89
C VAL A 115 15.94 -19.00 8.56
N ALA A 116 16.19 -17.70 8.46
CA ALA A 116 17.54 -17.17 8.26
C ALA A 116 17.81 -16.08 9.27
N ALA A 117 18.81 -16.31 10.13
CA ALA A 117 19.17 -15.29 11.09
C ALA A 117 19.76 -14.07 10.37
N PRO A 118 19.57 -12.87 10.92
CA PRO A 118 20.20 -11.69 10.31
C PRO A 118 21.69 -11.69 10.54
N SER A 119 22.42 -11.15 9.56
CA SER A 119 23.73 -10.56 9.80
C SER A 119 23.54 -9.21 10.46
N VAL A 120 24.19 -9.00 11.60
CA VAL A 120 24.01 -7.79 12.39
C VAL A 120 25.27 -6.94 12.27
N PHE A 121 25.10 -5.71 11.83
CA PHE A 121 26.19 -4.78 11.60
C PHE A 121 25.90 -3.46 12.27
N ILE A 122 26.94 -2.75 12.70
CA ILE A 122 26.74 -1.49 13.42
C ILE A 122 27.70 -0.44 12.91
N PHE A 123 27.22 0.80 12.86
CA PHE A 123 27.93 1.95 12.31
C PHE A 123 27.91 3.06 13.34
N PRO A 124 29.05 3.51 13.86
CA PRO A 124 29.06 4.73 14.68
C PRO A 124 28.76 5.96 13.85
N PRO A 125 28.44 7.09 14.49
CA PRO A 125 28.25 8.33 13.73
C PRO A 125 29.54 8.74 13.04
N SER A 126 29.40 9.44 11.91
CA SER A 126 30.54 10.04 11.24
C SER A 126 31.07 11.26 12.00
N ASP A 127 32.37 11.54 11.89
CA ASP A 127 32.89 12.77 12.46
C ASP A 127 32.21 14.00 11.85
N GLU A 128 31.92 13.95 10.56
CA GLU A 128 31.21 15.06 9.92
C GLU A 128 29.90 15.37 10.62
N GLN A 129 29.10 14.35 10.90
CA GLN A 129 27.83 14.60 11.58
C GLN A 129 28.06 15.12 12.99
N LEU A 130 29.02 14.53 13.68
CA LEU A 130 29.29 14.94 15.06
C LEU A 130 29.61 16.41 15.13
N LYS A 131 30.38 16.91 14.16
CA LYS A 131 30.70 18.33 14.10
C LYS A 131 29.44 19.16 14.06
N SER A 132 28.37 18.66 13.44
CA SER A 132 27.13 19.38 13.31
C SER A 132 26.29 19.38 14.58
N GLY A 133 26.71 18.65 15.61
CA GLY A 133 25.99 18.62 16.86
C GLY A 133 25.06 17.45 17.09
N THR A 134 25.02 16.47 16.18
CA THR A 134 24.12 15.33 16.29
C THR A 134 24.90 14.05 16.03
N ALA A 135 24.44 12.94 16.64
CA ALA A 135 25.03 11.61 16.48
C ALA A 135 23.94 10.63 16.12
N SER A 136 24.01 10.06 14.91
CA SER A 136 23.16 8.97 14.49
C SER A 136 23.97 7.67 14.49
N VAL A 137 23.46 6.66 15.17
CA VAL A 137 24.05 5.33 15.25
C VAL A 137 23.14 4.37 14.51
N VAL A 138 23.70 3.60 13.58
CA VAL A 138 22.88 2.73 12.74
C VAL A 138 23.20 1.28 13.01
N CYS A 139 22.15 0.50 13.23
CA CYS A 139 22.22 -0.95 13.34
C CYS A 139 21.50 -1.56 12.15
N LEU A 140 22.18 -2.49 11.49
CA LEU A 140 21.65 -3.09 10.27
C LEU A 140 21.45 -4.58 10.49
N LEU A 141 20.24 -5.07 10.24
CA LEU A 141 19.99 -6.51 10.20
C LEU A 141 19.78 -6.87 8.76
N ASN A 142 20.65 -7.72 8.20
CA ASN A 142 20.64 -7.95 6.76
C ASN A 142 20.19 -9.37 6.44
N ASN A 143 19.25 -9.46 5.50
CA ASN A 143 18.86 -10.68 4.79
C ASN A 143 18.39 -11.77 5.75
N PHE A 144 17.28 -11.51 6.43
CA PHE A 144 16.78 -12.45 7.41
C PHE A 144 15.33 -12.80 7.11
N TYR A 145 14.85 -13.85 7.75
CA TYR A 145 13.47 -14.32 7.65
C TYR A 145 13.20 -15.15 8.87
N PRO A 146 12.03 -15.02 9.56
CA PRO A 146 10.91 -14.13 9.20
C PRO A 146 11.14 -12.66 9.52
N ARG A 147 10.17 -11.82 9.15
CA ARG A 147 10.35 -10.37 9.29
C ARG A 147 10.35 -9.92 10.73
N GLU A 148 9.72 -10.68 11.64
CA GLU A 148 9.61 -10.29 13.03
C GLU A 148 11.00 -10.30 13.67
N ALA A 149 11.37 -9.18 14.27
CA ALA A 149 12.64 -9.06 14.98
C ALA A 149 12.51 -7.98 16.04
N LYS A 150 13.27 -8.15 17.11
CA LYS A 150 13.29 -7.18 18.20
C LYS A 150 14.70 -6.59 18.26
N VAL A 151 14.80 -5.28 18.14
CA VAL A 151 16.08 -4.58 18.14
C VAL A 151 16.05 -3.55 19.26
N GLN A 152 16.94 -3.70 20.23
CA GLN A 152 16.98 -2.77 21.34
C GLN A 152 18.35 -2.11 21.40
N TRP A 153 18.39 -0.82 21.74
CA TRP A 153 19.64 -0.09 21.93
C TRP A 153 19.99 -0.03 23.40
N LYS A 154 21.22 -0.36 23.74
CA LYS A 154 21.75 -0.23 25.09
C LYS A 154 22.96 0.67 25.02
N VAL A 155 22.97 1.73 25.85
CA VAL A 155 24.08 2.66 25.91
C VAL A 155 24.64 2.53 27.33
N ASP A 156 25.88 2.04 27.42
CA ASP A 156 26.48 1.62 28.70
C ASP A 156 25.50 0.77 29.51
N ASN A 157 24.88 -0.18 28.82
CA ASN A 157 23.95 -1.18 29.36
C ASN A 157 22.58 -0.63 29.71
N ALA A 158 22.32 0.64 29.45
CA ALA A 158 21.02 1.25 29.72
C ALA A 158 20.14 1.20 28.48
N LEU A 159 18.99 0.55 28.61
CA LEU A 159 18.02 0.48 27.52
C LEU A 159 17.57 1.87 27.12
N GLN A 160 17.58 2.14 25.81
CA GLN A 160 17.16 3.42 25.26
C GLN A 160 15.67 3.41 24.94
N SER A 161 15.02 4.54 25.18
N SER A 161 15.02 4.54 25.18
CA SER A 161 13.58 4.66 24.98
CA SER A 161 13.59 4.67 24.98
C SER A 161 13.28 5.99 24.30
C SER A 161 13.28 5.98 24.29
N GLY A 162 12.54 5.92 23.20
CA GLY A 162 12.04 7.11 22.54
C GLY A 162 12.98 7.79 21.57
N ASN A 163 14.17 7.24 21.33
CA ASN A 163 15.12 7.96 20.51
C ASN A 163 15.64 7.12 19.32
N SER A 164 14.87 6.14 18.87
CA SER A 164 15.24 5.36 17.70
C SER A 164 14.04 5.09 16.81
N GLN A 165 14.32 4.84 15.53
CA GLN A 165 13.30 4.52 14.54
C GLN A 165 13.82 3.41 13.66
N GLU A 166 12.92 2.52 13.26
CA GLU A 166 13.23 1.41 12.36
C GLU A 166 12.65 1.64 10.97
N SER A 167 13.36 1.08 9.99
CA SER A 167 12.84 0.94 8.64
C SER A 167 13.11 -0.47 8.14
N VAL A 168 12.20 -1.02 7.34
CA VAL A 168 12.32 -2.39 6.87
C VAL A 168 11.99 -2.44 5.38
N THR A 169 12.72 -3.28 4.65
CA THR A 169 12.53 -3.43 3.22
C THR A 169 11.33 -4.33 2.96
N GLU A 170 10.87 -4.32 1.71
CA GLU A 170 9.92 -5.33 1.29
C GLU A 170 10.65 -6.65 1.13
N GLN A 171 9.89 -7.75 1.11
CA GLN A 171 10.50 -9.05 0.97
C GLN A 171 11.18 -9.15 -0.39
N ASP A 172 12.42 -9.64 -0.40
CA ASP A 172 13.18 -9.73 -1.63
C ASP A 172 12.61 -10.81 -2.54
N SER A 173 12.50 -10.49 -3.82
CA SER A 173 11.91 -11.38 -4.81
C SER A 173 12.66 -12.72 -4.86
N LYS A 174 13.99 -12.66 -4.95
CA LYS A 174 14.78 -13.86 -5.19
C LYS A 174 14.86 -14.75 -3.97
N ASP A 175 15.33 -14.21 -2.83
CA ASP A 175 15.67 -15.04 -1.67
C ASP A 175 14.68 -14.95 -0.53
N SER A 176 13.61 -14.18 -0.68
CA SER A 176 12.53 -14.10 0.29
C SER A 176 12.98 -13.57 1.65
N THR A 177 14.08 -12.81 1.70
CA THR A 177 14.53 -12.24 2.96
C THR A 177 14.14 -10.77 3.10
N TYR A 178 14.34 -10.27 4.30
CA TYR A 178 14.16 -8.86 4.64
C TYR A 178 15.48 -8.28 5.10
N SER A 179 15.57 -6.95 5.09
CA SER A 179 16.60 -6.22 5.81
C SER A 179 15.97 -5.07 6.58
N LEU A 180 16.62 -4.70 7.67
CA LEU A 180 16.03 -3.77 8.62
C LEU A 180 17.14 -2.87 9.17
N SER A 181 16.83 -1.60 9.31
CA SER A 181 17.72 -0.66 9.97
C SER A 181 17.07 -0.14 11.23
N SER A 182 17.90 0.14 12.23
CA SER A 182 17.45 0.81 13.44
C SER A 182 18.43 1.94 13.66
N THR A 183 17.92 3.16 13.81
CA THR A 183 18.76 4.34 13.90
C THR A 183 18.51 5.02 15.22
N LEU A 184 19.57 5.14 16.03
CA LEU A 184 19.54 5.82 17.32
C LEU A 184 20.09 7.22 17.12
N THR A 185 19.32 8.24 17.53
CA THR A 185 19.75 9.62 17.37
C THR A 185 19.87 10.31 18.72
N LEU A 186 21.05 10.86 18.97
CA LEU A 186 21.34 11.59 20.20
C LEU A 186 21.98 12.92 19.88
N SER A 187 21.86 13.86 20.83
CA SER A 187 22.67 15.06 20.79
C SER A 187 24.13 14.65 20.84
N LYS A 188 25.00 15.50 20.27
CA LYS A 188 26.43 15.32 20.44
C LYS A 188 26.80 15.30 21.92
N ALA A 189 26.19 16.19 22.70
CA ALA A 189 26.46 16.23 24.14
C ALA A 189 26.11 14.91 24.81
N ASP A 190 24.92 14.39 24.53
CA ASP A 190 24.56 13.12 25.15
C ASP A 190 25.45 11.99 24.62
N TYR A 191 25.75 12.00 23.33
CA TYR A 191 26.54 10.91 22.77
C TYR A 191 27.89 10.83 23.47
N GLU A 192 28.49 11.98 23.77
CA GLU A 192 29.82 12.01 24.35
C GLU A 192 29.84 11.71 25.84
N LYS A 193 28.69 11.45 26.46
CA LYS A 193 28.62 11.08 27.87
C LYS A 193 28.78 9.58 28.09
N HIS A 194 28.83 8.77 27.03
CA HIS A 194 28.81 7.32 27.19
C HIS A 194 29.81 6.64 26.27
N LYS A 195 30.15 5.42 26.66
CA LYS A 195 31.21 4.65 26.02
C LYS A 195 30.65 3.58 25.11
N VAL A 196 29.89 2.64 25.65
CA VAL A 196 29.48 1.44 24.92
C VAL A 196 28.13 1.69 24.29
N TYR A 197 28.07 1.56 22.95
CA TYR A 197 26.85 1.63 22.18
C TYR A 197 26.56 0.25 21.62
N ALA A 198 25.43 -0.31 22.00
CA ALA A 198 25.12 -1.70 21.65
C ALA A 198 23.74 -1.85 21.00
N CYS A 199 23.69 -2.67 19.94
CA CYS A 199 22.45 -3.11 19.31
C CYS A 199 22.22 -4.56 19.72
N GLU A 200 21.10 -4.83 20.38
CA GLU A 200 20.76 -6.20 20.80
C GLU A 200 19.58 -6.72 19.98
N VAL A 201 19.80 -7.82 19.28
CA VAL A 201 18.84 -8.35 18.31
C VAL A 201 18.28 -9.69 18.79
N THR A 202 16.95 -9.80 18.80
CA THR A 202 16.26 -11.04 19.09
C THR A 202 15.54 -11.50 17.83
N HIS A 203 15.73 -12.77 17.47
CA HIS A 203 15.16 -13.26 16.23
C HIS A 203 15.06 -14.78 16.27
N GLN A 204 14.10 -15.32 15.54
CA GLN A 204 13.86 -16.77 15.60
C GLN A 204 15.07 -17.56 15.17
N GLY A 205 15.89 -17.02 14.28
CA GLY A 205 17.07 -17.71 13.81
C GLY A 205 18.25 -17.65 14.74
N LEU A 206 18.12 -16.97 15.88
CA LEU A 206 19.20 -16.84 16.85
C LEU A 206 18.78 -17.56 18.12
N SER A 207 19.64 -18.48 18.59
CA SER A 207 19.31 -19.24 19.79
C SER A 207 19.27 -18.36 21.02
N SER A 208 20.04 -17.28 21.03
CA SER A 208 19.95 -16.28 22.07
C SER A 208 20.19 -14.91 21.43
N PRO A 209 19.73 -13.83 22.07
CA PRO A 209 19.91 -12.49 21.47
C PRO A 209 21.36 -12.20 21.17
N VAL A 210 21.61 -11.60 20.00
CA VAL A 210 22.94 -11.21 19.56
C VAL A 210 23.17 -9.74 19.88
N THR A 211 24.36 -9.40 20.38
CA THR A 211 24.72 -8.02 20.64
C THR A 211 25.90 -7.60 19.77
N LYS A 212 25.72 -6.52 19.02
N LYS A 212 25.72 -6.53 19.00
CA LYS A 212 26.81 -5.86 18.30
CA LYS A 212 26.81 -5.86 18.30
C LYS A 212 27.04 -4.51 18.95
C LYS A 212 27.04 -4.52 18.96
N SER A 213 28.29 -4.18 19.22
CA SER A 213 28.57 -2.95 19.96
C SER A 213 29.92 -2.38 19.60
N PHE A 214 30.10 -1.11 19.93
CA PHE A 214 31.40 -0.47 19.83
C PHE A 214 31.65 0.47 21.00
N ASN A 215 32.92 0.80 21.18
CA ASN A 215 33.29 1.85 22.14
C ASN A 215 33.43 3.17 21.40
N ARG A 216 32.76 4.22 21.91
CA ARG A 216 32.79 5.52 21.35
C ARG A 216 34.20 5.99 21.09
N GLY A 217 34.51 6.36 19.87
CA GLY A 217 35.80 6.86 19.54
C GLY A 217 36.89 5.88 19.19
N GLU A 218 36.64 4.62 19.35
CA GLU A 218 37.65 3.66 19.10
C GLU A 218 37.87 3.33 17.60
N CYS A 219 36.80 3.25 16.82
CA CYS A 219 36.90 2.90 15.42
C CYS A 219 35.79 3.48 14.67
N LYS B 1 -5.43 1.69 -22.90
CA LYS B 1 -6.04 0.78 -21.90
C LYS B 1 -7.15 1.49 -21.12
N VAL B 2 -7.79 0.76 -20.21
CA VAL B 2 -8.78 1.32 -19.30
C VAL B 2 -8.05 1.81 -18.05
N GLN B 3 -8.19 3.11 -17.76
CA GLN B 3 -7.34 3.76 -16.78
C GLN B 3 -8.07 4.90 -16.11
N LEU B 4 -7.79 5.11 -14.81
CA LEU B 4 -8.16 6.33 -14.12
C LEU B 4 -6.85 7.04 -13.80
N VAL B 5 -6.69 8.25 -14.33
CA VAL B 5 -5.42 9.00 -14.24
C VAL B 5 -5.62 10.12 -13.24
N GLN B 6 -4.97 10.00 -12.10
CA GLN B 6 -5.13 10.97 -11.03
C GLN B 6 -4.08 12.05 -11.14
N SER B 7 -4.44 13.24 -10.66
CA SER B 7 -3.51 14.36 -10.63
C SER B 7 -3.92 15.27 -9.49
N GLY B 8 -3.03 16.19 -9.17
CA GLY B 8 -3.18 17.04 -8.03
C GLY B 8 -2.29 16.58 -6.90
N GLY B 9 -2.60 17.09 -5.73
CA GLY B 9 -1.89 16.64 -4.56
C GLY B 9 -0.51 17.26 -4.46
N GLY B 10 0.28 16.73 -3.54
CA GLY B 10 1.54 17.33 -3.15
C GLY B 10 1.51 17.87 -1.73
N VAL B 11 2.49 18.71 -1.42
CA VAL B 11 2.60 19.27 -0.08
C VAL B 11 1.64 20.43 0.08
N VAL B 12 0.96 20.46 1.23
CA VAL B 12 0.02 21.52 1.56
C VAL B 12 0.09 21.76 3.06
N GLN B 13 0.06 23.05 3.45
CA GLN B 13 0.13 23.40 4.86
C GLN B 13 -1.19 23.11 5.58
N PRO B 14 -1.13 22.81 6.87
CA PRO B 14 -2.35 22.60 7.63
C PRO B 14 -3.27 23.81 7.51
N GLY B 15 -4.57 23.53 7.34
CA GLY B 15 -5.60 24.55 7.17
C GLY B 15 -5.86 24.99 5.74
N ARG B 16 -5.00 24.61 4.82
CA ARG B 16 -5.13 25.02 3.44
C ARG B 16 -6.00 24.00 2.72
N SER B 17 -6.20 24.20 1.43
CA SER B 17 -7.08 23.39 0.59
C SER B 17 -6.29 22.75 -0.54
N GLN B 18 -6.79 21.61 -1.00
CA GLN B 18 -6.26 20.99 -2.20
C GLN B 18 -7.44 20.39 -2.97
N ARG B 19 -7.29 20.31 -4.28
N ARG B 19 -7.29 20.31 -4.28
CA ARG B 19 -8.32 19.73 -5.15
CA ARG B 19 -8.32 19.73 -5.15
C ARG B 19 -7.69 18.63 -5.98
C ARG B 19 -7.68 18.62 -5.97
N LEU B 20 -8.23 17.43 -5.86
CA LEU B 20 -7.72 16.26 -6.56
C LEU B 20 -8.58 15.99 -7.78
N SER B 21 -7.96 15.47 -8.84
CA SER B 21 -8.66 15.09 -10.07
C SER B 21 -8.42 13.63 -10.39
N CYS B 22 -9.39 13.03 -11.08
CA CYS B 22 -9.36 11.61 -11.45
C CYS B 22 -10.00 11.55 -12.82
N ALA B 23 -9.19 11.46 -13.89
CA ALA B 23 -9.67 11.51 -15.26
C ALA B 23 -9.70 10.11 -15.88
N ALA B 24 -10.86 9.71 -16.36
CA ALA B 24 -10.98 8.40 -16.96
C ALA B 24 -10.55 8.41 -18.41
N SER B 25 -9.88 7.34 -18.84
CA SER B 25 -9.58 7.13 -20.24
C SER B 25 -9.82 5.66 -20.55
N GLY B 26 -10.60 5.40 -21.60
CA GLY B 26 -10.95 4.05 -21.95
C GLY B 26 -12.26 3.58 -21.38
N LEU B 27 -12.92 4.40 -20.56
CA LEU B 27 -14.24 4.13 -20.03
C LEU B 27 -14.97 5.46 -19.93
N THR B 28 -16.29 5.37 -19.86
CA THR B 28 -17.18 6.53 -19.81
C THR B 28 -17.62 6.78 -18.36
N LEU B 29 -17.18 7.91 -17.79
CA LEU B 29 -17.39 8.15 -16.36
C LEU B 29 -18.88 8.14 -16.02
N SER B 30 -19.73 8.59 -16.94
CA SER B 30 -21.15 8.65 -16.62
C SER B 30 -21.78 7.28 -16.42
N GLU B 31 -21.07 6.20 -16.73
CA GLU B 31 -21.55 4.86 -16.50
C GLU B 31 -21.15 4.33 -15.14
N TYR B 32 -20.63 5.19 -14.27
CA TYR B 32 -20.16 4.75 -12.95
C TYR B 32 -20.52 5.74 -11.85
N ALA B 33 -20.98 5.20 -10.72
CA ALA B 33 -20.80 5.88 -9.44
C ALA B 33 -19.30 5.84 -9.13
N MET B 34 -18.79 6.87 -8.44
CA MET B 34 -17.36 6.96 -8.20
C MET B 34 -17.07 7.18 -6.71
N HIS B 35 -16.01 6.53 -6.24
CA HIS B 35 -15.59 6.60 -4.84
C HIS B 35 -14.18 7.17 -4.73
N TRP B 36 -13.92 7.79 -3.58
CA TRP B 36 -12.59 8.07 -3.08
C TRP B 36 -12.29 7.17 -1.89
N VAL B 37 -11.06 6.65 -1.83
CA VAL B 37 -10.54 5.82 -0.76
C VAL B 37 -9.14 6.35 -0.47
N ARG B 38 -8.73 6.34 0.80
CA ARG B 38 -7.40 6.85 1.13
C ARG B 38 -6.63 5.92 2.09
N GLN B 39 -5.33 6.15 2.17
CA GLN B 39 -4.47 5.31 2.99
C GLN B 39 -3.37 6.16 3.60
N ALA B 40 -3.44 6.34 4.91
CA ALA B 40 -2.39 7.07 5.60
C ALA B 40 -1.10 6.22 5.59
N PRO B 41 0.06 6.87 5.72
CA PRO B 41 1.32 6.12 5.62
C PRO B 41 1.37 4.99 6.63
N GLY B 42 1.65 3.78 6.13
CA GLY B 42 1.76 2.60 6.96
C GLY B 42 0.46 2.07 7.54
N LYS B 43 -0.68 2.60 7.12
CA LYS B 43 -1.97 2.22 7.69
C LYS B 43 -2.85 1.58 6.61
N GLY B 44 -4.07 1.25 7.00
CA GLY B 44 -4.97 0.52 6.12
C GLY B 44 -5.80 1.45 5.25
N LEU B 45 -6.73 0.85 4.51
CA LEU B 45 -7.59 1.61 3.63
C LEU B 45 -8.80 2.19 4.39
N GLU B 46 -9.18 3.41 4.01
CA GLU B 46 -10.33 4.10 4.59
C GLU B 46 -11.19 4.69 3.48
N TRP B 47 -12.48 4.36 3.48
CA TRP B 47 -13.40 4.96 2.51
C TRP B 47 -13.66 6.41 2.87
N VAL B 48 -13.70 7.27 1.85
CA VAL B 48 -13.80 8.72 2.01
C VAL B 48 -15.13 9.28 1.50
N ALA B 49 -15.51 8.92 0.29
CA ALA B 49 -16.73 9.52 -0.27
C ALA B 49 -17.20 8.79 -1.52
N VAL B 50 -18.46 9.06 -1.88
CA VAL B 50 -19.01 8.53 -3.11
C VAL B 50 -19.92 9.58 -3.74
N ILE B 51 -20.06 9.48 -5.05
CA ILE B 51 -21.02 10.32 -5.80
C ILE B 51 -21.68 9.49 -6.89
N LEU B 52 -23.00 9.62 -7.01
CA LEU B 52 -23.67 8.84 -8.02
C LEU B 52 -23.36 9.39 -9.42
N SER B 53 -23.78 8.62 -10.44
CA SER B 53 -23.36 8.89 -11.81
C SER B 53 -23.85 10.24 -12.30
N ASP B 54 -25.01 10.70 -11.83
CA ASP B 54 -25.58 11.99 -12.20
C ASP B 54 -25.27 13.08 -11.20
N GLY B 55 -24.28 12.87 -10.34
CA GLY B 55 -23.89 13.84 -9.35
C GLY B 55 -24.73 13.91 -8.09
N THR B 56 -25.84 13.18 -8.01
CA THR B 56 -26.68 13.20 -6.83
C THR B 56 -26.12 12.32 -5.71
N LYS B 57 -26.72 12.49 -4.52
CA LYS B 57 -26.47 11.67 -3.31
C LYS B 57 -24.98 11.54 -2.99
N LYS B 58 -24.33 12.68 -2.87
CA LYS B 58 -22.96 12.70 -2.37
C LYS B 58 -22.95 12.24 -0.92
N GLU B 59 -22.02 11.36 -0.58
CA GLU B 59 -21.91 10.89 0.81
C GLU B 59 -20.45 10.88 1.21
N TYR B 60 -20.21 10.99 2.53
CA TYR B 60 -18.88 11.23 3.06
C TYR B 60 -18.64 10.44 4.34
N ALA B 61 -17.39 10.08 4.58
CA ALA B 61 -17.01 9.53 5.87
C ALA B 61 -17.15 10.61 6.94
N ASP B 62 -17.54 10.20 8.14
CA ASP B 62 -17.66 11.17 9.23
C ASP B 62 -16.37 11.97 9.41
N SER B 63 -15.22 11.33 9.18
CA SER B 63 -13.93 11.96 9.41
C SER B 63 -13.66 13.16 8.49
N VAL B 64 -14.42 13.30 7.40
CA VAL B 64 -14.20 14.38 6.44
C VAL B 64 -15.43 15.23 6.22
N LYS B 65 -16.58 14.86 6.76
CA LYS B 65 -17.78 15.61 6.46
C LYS B 65 -17.63 17.07 6.93
N GLY B 66 -18.10 17.98 6.12
CA GLY B 66 -17.98 19.39 6.43
C GLY B 66 -16.75 20.04 5.87
N ARG B 67 -15.72 19.26 5.57
CA ARG B 67 -14.45 19.76 5.05
C ARG B 67 -14.18 19.35 3.62
N PHE B 68 -14.59 18.14 3.23
CA PHE B 68 -14.37 17.65 1.88
C PHE B 68 -15.69 17.68 1.13
N THR B 69 -15.62 17.92 -0.17
CA THR B 69 -16.78 17.72 -1.03
C THR B 69 -16.33 17.07 -2.33
N ILE B 70 -17.20 16.20 -2.84
CA ILE B 70 -16.94 15.41 -4.03
C ILE B 70 -17.77 16.00 -5.16
N SER B 71 -17.22 15.95 -6.37
CA SER B 71 -17.92 16.47 -7.53
C SER B 71 -17.44 15.73 -8.78
N ARG B 72 -18.16 15.96 -9.88
CA ARG B 72 -17.79 15.29 -11.11
C ARG B 72 -18.23 16.13 -12.31
N ASP B 73 -17.52 15.93 -13.42
CA ASP B 73 -17.90 16.52 -14.72
C ASP B 73 -17.83 15.40 -15.75
N ASN B 74 -18.99 14.80 -16.03
CA ASN B 74 -19.06 13.67 -16.94
C ASN B 74 -18.60 14.07 -18.35
N SER B 75 -18.83 15.32 -18.74
CA SER B 75 -18.45 15.74 -20.09
C SER B 75 -16.95 15.74 -20.26
N LYS B 76 -16.22 15.96 -19.15
CA LYS B 76 -14.76 15.85 -19.14
C LYS B 76 -14.27 14.51 -18.61
N ASN B 77 -15.17 13.58 -18.35
CA ASN B 77 -14.82 12.25 -17.89
C ASN B 77 -13.97 12.33 -16.63
N THR B 78 -14.25 13.31 -15.77
CA THR B 78 -13.40 13.54 -14.60
C THR B 78 -14.16 13.67 -13.30
N LEU B 79 -13.56 13.12 -12.25
CA LEU B 79 -14.03 13.13 -10.88
C LEU B 79 -13.10 14.01 -10.05
N TYR B 80 -13.65 14.71 -9.07
CA TYR B 80 -12.88 15.65 -8.25
C TYR B 80 -13.11 15.39 -6.77
N LEU B 81 -12.14 15.78 -5.95
CA LEU B 81 -12.32 15.85 -4.52
C LEU B 81 -11.77 17.19 -4.04
N GLN B 82 -12.62 18.00 -3.40
CA GLN B 82 -12.20 19.29 -2.85
C GLN B 82 -11.95 19.06 -1.38
N MET B 83 -10.75 19.40 -0.91
CA MET B 83 -10.39 19.15 0.48
C MET B 83 -10.04 20.47 1.13
N ASN B 84 -10.87 20.90 2.09
CA ASN B 84 -10.64 22.13 2.84
C ASN B 84 -10.22 21.80 4.25
N SER B 85 -9.58 22.79 4.89
CA SER B 85 -9.23 22.70 6.31
C SER B 85 -8.43 21.44 6.61
N LEU B 86 -7.41 21.22 5.79
CA LEU B 86 -6.66 19.96 5.86
C LEU B 86 -5.90 19.89 7.17
N ARG B 87 -5.78 18.66 7.68
CA ARG B 87 -5.10 18.39 8.94
C ARG B 87 -4.07 17.29 8.70
N ALA B 88 -3.13 17.16 9.65
CA ALA B 88 -2.12 16.11 9.55
C ALA B 88 -2.76 14.73 9.39
N GLU B 89 -3.89 14.51 10.06
CA GLU B 89 -4.64 13.27 9.93
C GLU B 89 -5.03 12.96 8.49
N ASP B 90 -5.06 13.96 7.60
CA ASP B 90 -5.50 13.76 6.22
C ASP B 90 -4.36 13.37 5.29
N THR B 91 -3.13 13.38 5.77
CA THR B 91 -2.01 12.93 4.97
C THR B 91 -2.24 11.47 4.57
N ALA B 92 -2.14 11.20 3.28
CA ALA B 92 -2.43 9.87 2.74
C ALA B 92 -2.22 9.86 1.25
N VAL B 93 -2.25 8.66 0.68
CA VAL B 93 -2.48 8.48 -0.75
C VAL B 93 -3.98 8.36 -0.92
N TYR B 94 -4.51 9.11 -1.88
CA TYR B 94 -5.94 9.10 -2.21
C TYR B 94 -6.15 8.39 -3.53
N TYR B 95 -7.13 7.48 -3.57
CA TYR B 95 -7.42 6.70 -4.76
C TYR B 95 -8.84 6.96 -5.16
N CYS B 96 -9.10 7.02 -6.46
CA CYS B 96 -10.48 6.96 -6.96
C CYS B 96 -10.76 5.57 -7.51
N ALA B 97 -12.03 5.15 -7.49
CA ALA B 97 -12.38 3.83 -7.95
C ALA B 97 -13.82 3.86 -8.45
N THR B 98 -14.13 2.92 -9.34
CA THR B 98 -15.42 2.86 -10.02
C THR B 98 -16.44 1.97 -9.28
N ASP B 99 -17.72 2.16 -9.62
CA ASP B 99 -18.83 1.37 -9.06
C ASP B 99 -19.96 1.34 -10.10
N ASP B 100 -20.36 0.14 -10.54
CA ASP B 100 -21.41 -0.03 -11.56
C ASP B 100 -22.79 0.37 -11.06
N ASN B 101 -22.94 0.52 -9.75
CA ASN B 101 -24.21 0.85 -9.10
C ASN B 101 -24.42 2.36 -9.17
N ILE B 102 -24.72 2.83 -10.39
CA ILE B 102 -24.68 4.25 -10.72
C ILE B 102 -25.63 5.08 -9.87
N LEU B 103 -26.75 4.51 -9.43
CA LEU B 103 -27.76 5.29 -8.73
C LEU B 103 -28.03 4.82 -7.30
N GLY B 104 -27.16 3.99 -6.74
CA GLY B 104 -27.27 3.65 -5.32
C GLY B 104 -28.34 2.64 -4.95
N HIS B 105 -28.86 1.91 -5.92
CA HIS B 105 -29.84 0.87 -5.65
C HIS B 105 -29.27 -0.18 -4.72
N CYS B 106 -30.15 -0.74 -3.88
CA CYS B 106 -29.86 -1.80 -2.91
C CYS B 106 -29.21 -1.25 -1.65
N ARG B 107 -28.10 -0.53 -1.82
CA ARG B 107 -27.40 -0.02 -0.64
C ARG B 107 -28.06 1.21 -0.04
N SER B 108 -28.87 1.94 -0.81
CA SER B 108 -29.47 3.18 -0.36
C SER B 108 -30.99 3.21 -0.50
N LYS B 109 -31.57 2.26 -1.23
CA LYS B 109 -32.99 2.24 -1.56
C LYS B 109 -33.31 0.87 -2.11
N SER B 110 -34.61 0.62 -2.31
CA SER B 110 -35.05 -0.69 -2.75
C SER B 110 -34.51 -1.01 -4.13
N CYS B 111 -34.37 -2.31 -4.37
CA CYS B 111 -33.84 -2.77 -5.65
C CYS B 111 -34.52 -4.08 -6.04
N GLN B 112 -34.66 -4.24 -7.36
CA GLN B 112 -35.16 -5.49 -7.91
C GLN B 112 -34.07 -6.53 -8.10
N ARG B 113 -32.81 -6.12 -8.06
CA ARG B 113 -31.67 -6.96 -8.37
C ARG B 113 -30.45 -6.17 -7.95
N ASN B 114 -29.32 -6.87 -7.88
CA ASN B 114 -28.07 -6.23 -7.57
C ASN B 114 -27.44 -5.57 -8.79
N TYR B 115 -26.73 -4.45 -8.55
CA TYR B 115 -26.01 -3.78 -9.61
C TYR B 115 -24.54 -3.54 -9.28
N TYR B 116 -24.09 -3.99 -8.10
CA TYR B 116 -22.73 -3.76 -7.62
C TYR B 116 -21.83 -4.95 -7.93
N HIS B 117 -20.66 -4.71 -8.54
CA HIS B 117 -19.73 -5.80 -8.91
C HIS B 117 -18.33 -5.47 -8.43
N GLY B 118 -18.27 -4.88 -7.24
CA GLY B 118 -17.01 -4.45 -6.65
C GLY B 118 -16.52 -3.14 -7.23
N MET B 119 -15.42 -2.63 -6.63
CA MET B 119 -14.73 -1.44 -7.13
C MET B 119 -13.57 -1.93 -7.99
N ASP B 120 -13.80 -2.02 -9.31
CA ASP B 120 -12.93 -2.84 -10.14
C ASP B 120 -11.82 -2.06 -10.80
N VAL B 121 -12.03 -0.77 -11.06
CA VAL B 121 -11.00 0.08 -11.66
C VAL B 121 -10.55 1.10 -10.63
N TRP B 122 -9.23 1.17 -10.40
CA TRP B 122 -8.60 2.07 -9.43
C TRP B 122 -7.59 3.00 -10.12
N GLY B 123 -7.57 4.26 -9.69
CA GLY B 123 -6.51 5.16 -10.10
C GLY B 123 -5.17 4.78 -9.47
N GLN B 124 -4.11 5.45 -9.95
CA GLN B 124 -2.76 5.15 -9.50
C GLN B 124 -2.44 5.78 -8.15
N GLY B 125 -3.32 6.61 -7.63
CA GLY B 125 -3.11 7.24 -6.35
C GLY B 125 -2.49 8.62 -6.46
N THR B 126 -2.87 9.49 -5.53
CA THR B 126 -2.31 10.83 -5.38
C THR B 126 -1.86 11.01 -3.95
N THR B 127 -0.61 11.40 -3.75
CA THR B 127 -0.14 11.66 -2.41
C THR B 127 -0.44 13.09 -1.99
N VAL B 128 -1.02 13.23 -0.81
CA VAL B 128 -1.30 14.51 -0.15
C VAL B 128 -0.56 14.48 1.17
N SER B 129 0.39 15.40 1.33
CA SER B 129 1.20 15.49 2.53
C SER B 129 0.91 16.82 3.21
N VAL B 130 0.31 16.75 4.39
CA VAL B 130 -0.15 17.93 5.12
C VAL B 130 0.92 18.26 6.14
N SER B 131 1.68 19.33 5.89
CA SER B 131 2.84 19.62 6.73
C SER B 131 3.21 21.09 6.59
N SER B 132 3.73 21.66 7.67
CA SER B 132 4.27 23.01 7.66
C SER B 132 5.78 23.05 7.40
N ALA B 133 6.40 21.91 7.15
CA ALA B 133 7.85 21.88 6.95
C ALA B 133 8.22 22.60 5.66
N SER B 134 9.39 23.23 5.67
CA SER B 134 9.91 23.87 4.47
C SER B 134 10.77 22.92 3.67
N THR B 135 10.76 23.10 2.35
CA THR B 135 11.61 22.32 1.46
C THR B 135 13.06 22.43 1.89
N LYS B 136 13.73 21.27 1.95
CA LYS B 136 15.11 21.24 2.46
C LYS B 136 15.83 20.01 1.91
N GLY B 137 17.04 20.23 1.41
CA GLY B 137 17.86 19.15 0.91
C GLY B 137 18.52 18.39 2.04
N PRO B 138 18.91 17.14 1.78
CA PRO B 138 19.47 16.30 2.84
C PRO B 138 20.94 16.60 3.13
N SER B 139 21.35 16.28 4.34
CA SER B 139 22.75 16.01 4.66
C SER B 139 23.03 14.54 4.37
N VAL B 140 24.20 14.25 3.82
CA VAL B 140 24.57 12.88 3.49
C VAL B 140 25.82 12.54 4.27
N PHE B 141 25.74 11.50 5.09
CA PHE B 141 26.82 11.10 5.96
C PHE B 141 27.25 9.67 5.65
N PRO B 142 28.54 9.38 5.74
CA PRO B 142 28.98 8.01 5.46
C PRO B 142 28.60 7.04 6.56
N LEU B 143 28.23 5.82 6.16
CA LEU B 143 28.19 4.63 7.03
C LEU B 143 29.42 3.81 6.66
N ALA B 144 30.50 4.06 7.39
CA ALA B 144 31.79 3.53 6.94
C ALA B 144 31.97 2.06 7.32
N PRO B 145 32.56 1.27 6.43
CA PRO B 145 32.70 -0.15 6.71
C PRO B 145 33.86 -0.35 7.67
N SER B 146 33.70 -1.32 8.56
CA SER B 146 34.71 -1.68 9.56
C SER B 146 34.52 -3.15 9.97
N SER B 147 35.36 -3.60 10.90
CA SER B 147 35.16 -4.95 11.41
C SER B 147 33.74 -5.12 11.95
N LYS B 148 33.10 -4.02 12.36
CA LYS B 148 31.78 -4.07 12.95
C LYS B 148 30.67 -4.19 11.92
N SER B 149 31.02 -4.14 10.62
CA SER B 149 30.06 -4.34 9.55
C SER B 149 30.55 -5.34 8.50
N THR B 150 31.44 -6.26 8.89
CA THR B 150 32.12 -7.17 7.98
C THR B 150 31.99 -8.58 8.54
N SER B 151 31.59 -9.51 7.67
CA SER B 151 31.44 -10.91 8.04
C SER B 151 31.81 -11.78 6.84
N GLY B 152 32.64 -12.79 7.05
CA GLY B 152 32.89 -13.79 5.99
C GLY B 152 33.32 -13.23 4.65
N GLY B 153 34.18 -12.23 4.66
CA GLY B 153 34.69 -11.65 3.43
C GLY B 153 33.79 -10.60 2.80
N THR B 154 32.66 -10.30 3.42
CA THR B 154 31.71 -9.33 2.91
C THR B 154 31.62 -8.17 3.88
N ALA B 155 31.68 -6.94 3.35
CA ALA B 155 31.59 -5.73 4.15
C ALA B 155 30.33 -4.95 3.77
N ALA B 156 29.60 -4.49 4.77
CA ALA B 156 28.51 -3.56 4.58
C ALA B 156 29.01 -2.13 4.76
N LEU B 157 28.50 -1.23 3.91
CA LEU B 157 28.77 0.20 3.98
C LEU B 157 27.52 0.93 3.48
N GLY B 158 27.52 2.25 3.65
CA GLY B 158 26.30 2.95 3.28
C GLY B 158 26.37 4.46 3.36
N CYS B 159 25.21 5.06 3.14
CA CYS B 159 25.07 6.49 3.32
C CYS B 159 23.78 6.74 4.08
N LEU B 160 23.89 7.60 5.09
CA LEU B 160 22.76 8.12 5.84
C LEU B 160 22.35 9.44 5.21
N VAL B 161 21.08 9.51 4.81
CA VAL B 161 20.52 10.64 4.07
C VAL B 161 19.51 11.29 5.01
N LYS B 162 19.92 12.37 5.68
CA LYS B 162 19.18 12.85 6.83
C LYS B 162 18.62 14.25 6.64
N ASP B 163 17.41 14.46 7.13
CA ASP B 163 16.83 15.78 7.33
C ASP B 163 16.49 16.44 6.00
N TYR B 164 15.60 15.82 5.23
CA TYR B 164 15.16 16.42 3.97
C TYR B 164 13.64 16.51 3.94
N PHE B 165 13.16 17.35 3.05
CA PHE B 165 11.71 17.48 2.93
C PHE B 165 11.42 18.17 1.62
N PRO B 166 10.41 17.73 0.86
CA PRO B 166 9.57 16.55 1.10
C PRO B 166 10.20 15.31 0.45
N GLU B 167 9.51 14.17 0.52
CA GLU B 167 9.87 13.01 -0.26
C GLU B 167 9.72 13.37 -1.73
N PRO B 168 10.45 12.68 -2.62
CA PRO B 168 11.43 11.62 -2.35
C PRO B 168 12.87 12.01 -2.59
N VAL B 169 13.79 11.15 -2.16
CA VAL B 169 15.17 11.21 -2.64
C VAL B 169 15.39 9.92 -3.41
N THR B 170 16.37 9.95 -4.31
CA THR B 170 16.83 8.75 -4.99
C THR B 170 18.30 8.54 -4.64
N VAL B 171 18.69 7.28 -4.51
CA VAL B 171 20.08 6.93 -4.20
C VAL B 171 20.56 5.92 -5.23
N SER B 172 21.71 6.21 -5.83
CA SER B 172 22.44 5.24 -6.62
C SER B 172 23.82 5.08 -6.00
N TRP B 173 24.53 4.07 -6.48
CA TRP B 173 25.86 3.78 -6.01
C TRP B 173 26.79 3.73 -7.21
N ASN B 174 27.89 4.46 -7.12
CA ASN B 174 28.90 4.50 -8.17
C ASN B 174 28.25 4.84 -9.50
N SER B 175 27.33 5.81 -9.45
CA SER B 175 26.66 6.32 -10.65
C SER B 175 25.88 5.24 -11.37
N GLY B 176 25.31 4.32 -10.59
CA GLY B 176 24.48 3.25 -11.10
C GLY B 176 25.21 1.97 -11.48
N ALA B 177 26.54 1.99 -11.47
CA ALA B 177 27.31 0.81 -11.82
C ALA B 177 27.22 -0.27 -10.75
N LEU B 178 26.77 0.08 -9.55
CA LEU B 178 26.68 -0.86 -8.44
C LEU B 178 25.23 -0.95 -8.00
N THR B 179 24.61 -2.11 -8.23
CA THR B 179 23.21 -2.37 -7.89
C THR B 179 23.06 -3.64 -7.05
N SER B 180 23.92 -4.62 -7.28
CA SER B 180 23.80 -5.87 -6.53
C SER B 180 24.06 -5.63 -5.04
N GLY B 181 23.22 -6.20 -4.19
CA GLY B 181 23.43 -6.09 -2.75
C GLY B 181 23.00 -4.78 -2.13
N VAL B 182 22.38 -3.89 -2.90
CA VAL B 182 21.95 -2.60 -2.38
C VAL B 182 20.57 -2.74 -1.73
N HIS B 183 20.44 -2.13 -0.57
CA HIS B 183 19.16 -1.97 0.10
C HIS B 183 19.01 -0.50 0.42
N THR B 184 18.05 0.17 -0.21
CA THR B 184 17.75 1.55 0.12
C THR B 184 16.43 1.52 0.87
N PHE B 185 16.46 1.89 2.15
CA PHE B 185 15.37 1.71 3.07
C PHE B 185 14.31 2.76 2.84
N PRO B 186 13.05 2.41 3.10
CA PRO B 186 12.00 3.42 3.10
C PRO B 186 12.30 4.51 4.09
N ALA B 187 11.97 5.74 3.70
CA ALA B 187 12.19 6.89 4.56
C ALA B 187 11.33 6.81 5.80
N VAL B 188 11.84 7.37 6.88
CA VAL B 188 11.09 7.54 8.11
C VAL B 188 10.87 9.03 8.31
N LEU B 189 9.70 9.37 8.83
CA LEU B 189 9.40 10.74 9.22
C LEU B 189 9.86 10.96 10.65
N GLN B 190 10.69 11.98 10.86
CA GLN B 190 11.21 12.28 12.18
C GLN B 190 10.30 13.25 12.94
N SER B 191 10.52 13.33 14.27
CA SER B 191 9.82 14.27 15.15
C SER B 191 9.86 15.69 14.59
N SER B 192 10.98 16.07 13.97
CA SER B 192 11.18 17.39 13.41
C SER B 192 10.30 17.68 12.21
N GLY B 193 9.61 16.68 11.68
CA GLY B 193 8.90 16.85 10.44
C GLY B 193 9.72 16.63 9.20
N LEU B 194 10.99 16.27 9.33
CA LEU B 194 11.88 16.01 8.20
C LEU B 194 12.07 14.51 8.06
N TYR B 195 12.35 14.09 6.83
CA TYR B 195 12.58 12.70 6.50
C TYR B 195 14.04 12.33 6.65
N SER B 196 14.26 11.02 6.78
CA SER B 196 15.60 10.46 6.82
C SER B 196 15.57 9.02 6.31
N LEU B 197 16.60 8.62 5.56
CA LEU B 197 16.73 7.22 5.17
C LEU B 197 18.20 6.84 5.12
N SER B 198 18.44 5.54 5.04
CA SER B 198 19.76 5.01 4.78
C SER B 198 19.73 4.14 3.53
N SER B 199 20.85 4.13 2.83
CA SER B 199 21.11 3.21 1.74
C SER B 199 22.36 2.42 2.09
N VAL B 200 22.27 1.09 2.06
CA VAL B 200 23.44 0.26 2.34
C VAL B 200 23.69 -0.72 1.19
N VAL B 201 24.93 -1.18 1.12
CA VAL B 201 25.34 -2.13 0.08
C VAL B 201 26.38 -3.03 0.71
N THR B 202 26.37 -4.31 0.34
CA THR B 202 27.42 -5.25 0.73
C THR B 202 28.33 -5.48 -0.46
N VAL B 203 29.63 -5.48 -0.19
CA VAL B 203 30.62 -5.68 -1.25
C VAL B 203 31.72 -6.58 -0.72
N PRO B 204 32.60 -7.11 -1.57
CA PRO B 204 33.77 -7.85 -1.07
C PRO B 204 34.68 -6.94 -0.24
N SER B 205 34.96 -7.36 0.99
N SER B 205 34.96 -7.36 0.99
CA SER B 205 35.75 -6.50 1.89
CA SER B 205 35.76 -6.53 1.89
C SER B 205 37.14 -6.23 1.33
C SER B 205 37.13 -6.22 1.30
N SER B 206 37.73 -7.20 0.61
CA SER B 206 39.07 -6.97 0.08
C SER B 206 39.10 -5.86 -0.96
N SER B 207 37.96 -5.52 -1.57
CA SER B 207 37.90 -4.43 -2.54
C SER B 207 38.00 -3.03 -1.93
N LEU B 208 37.85 -2.90 -0.61
CA LEU B 208 37.71 -1.57 -0.02
C LEU B 208 38.95 -0.72 -0.25
N GLY B 209 40.12 -1.36 -0.35
CA GLY B 209 41.34 -0.60 -0.49
C GLY B 209 41.57 -0.04 -1.86
N THR B 210 40.94 -0.61 -2.88
CA THR B 210 41.18 -0.20 -4.25
C THR B 210 39.99 0.43 -4.91
N GLN B 211 38.77 -0.02 -4.57
CA GLN B 211 37.56 0.43 -5.22
C GLN B 211 36.90 1.54 -4.42
N THR B 212 36.74 2.70 -5.03
CA THR B 212 36.00 3.79 -4.40
C THR B 212 34.50 3.48 -4.44
N TYR B 213 33.80 3.76 -3.34
CA TYR B 213 32.36 3.54 -3.23
C TYR B 213 31.72 4.89 -2.92
N ILE B 214 30.85 5.34 -3.81
CA ILE B 214 30.27 6.68 -3.73
C ILE B 214 28.77 6.53 -3.83
N CYS B 215 28.03 7.16 -2.92
CA CYS B 215 26.58 7.19 -3.02
C CYS B 215 26.20 8.50 -3.66
N ASN B 216 25.30 8.44 -4.66
CA ASN B 216 24.83 9.59 -5.42
C ASN B 216 23.40 9.84 -4.99
N VAL B 217 23.16 10.96 -4.32
CA VAL B 217 21.89 11.27 -3.69
C VAL B 217 21.30 12.45 -4.43
N ASN B 218 20.07 12.30 -4.92
CA ASN B 218 19.37 13.37 -5.60
C ASN B 218 18.07 13.68 -4.88
N HIS B 219 17.82 14.98 -4.65
CA HIS B 219 16.60 15.46 -4.01
C HIS B 219 16.06 16.53 -4.94
N LYS B 220 15.17 16.13 -5.86
CA LYS B 220 14.67 17.06 -6.88
C LYS B 220 13.95 18.25 -6.28
N PRO B 221 13.10 18.12 -5.27
CA PRO B 221 12.38 19.29 -4.75
C PRO B 221 13.28 20.43 -4.36
N SER B 222 14.49 20.14 -3.89
CA SER B 222 15.42 21.18 -3.51
C SER B 222 16.56 21.35 -4.50
N ASN B 223 16.51 20.64 -5.64
CA ASN B 223 17.58 20.61 -6.63
C ASN B 223 18.93 20.39 -5.97
N THR B 224 18.97 19.42 -5.06
CA THR B 224 20.18 19.03 -4.36
C THR B 224 20.70 17.73 -4.96
N LYS B 225 21.99 17.72 -5.31
CA LYS B 225 22.67 16.49 -5.73
C LYS B 225 23.97 16.40 -4.95
N VAL B 226 24.18 15.26 -4.27
CA VAL B 226 25.33 15.07 -3.40
C VAL B 226 25.96 13.74 -3.78
N ASP B 227 27.27 13.76 -4.01
CA ASP B 227 28.09 12.56 -4.12
C ASP B 227 28.93 12.49 -2.85
N LYS B 228 28.84 11.37 -2.14
CA LYS B 228 29.61 11.19 -0.92
C LYS B 228 30.43 9.91 -1.04
N LYS B 229 31.75 10.06 -0.97
CA LYS B 229 32.62 8.88 -0.98
C LYS B 229 32.68 8.32 0.43
N VAL B 230 32.50 7.01 0.57
CA VAL B 230 32.54 6.34 1.87
C VAL B 230 33.92 5.74 2.06
N GLU B 231 34.63 6.19 3.07
CA GLU B 231 35.99 5.69 3.21
C GLU B 231 36.04 4.54 4.21
N PRO B 232 36.84 3.52 3.93
CA PRO B 232 36.85 2.34 4.80
C PRO B 232 37.78 2.50 6.00
N LYS B 233 37.42 1.82 7.08
CA LYS B 233 38.25 1.75 8.27
C LYS B 233 38.98 0.42 8.35
N SER B 234 40.23 0.44 8.82
CA SER B 234 40.97 -0.80 9.02
C SER B 234 40.68 -1.46 10.36
N CYS B 235 40.03 -0.77 11.30
CA CYS B 235 39.66 -1.33 12.60
C CYS B 235 38.27 -2.05 12.66
N GLU C 1 -37.06 4.57 -13.42
CA GLU C 1 -36.64 3.76 -12.29
C GLU C 1 -35.81 2.57 -12.77
N GLU C 2 -36.16 1.36 -12.28
CA GLU C 2 -35.34 0.20 -12.66
C GLU C 2 -35.89 -0.48 -13.90
N PRO C 3 -35.04 -0.81 -14.88
CA PRO C 3 -35.51 -1.62 -16.00
C PRO C 3 -36.13 -2.92 -15.53
N SER C 4 -37.22 -3.30 -16.18
CA SER C 4 -37.88 -4.53 -15.82
C SER C 4 -37.11 -5.76 -16.32
N ASP C 5 -37.36 -6.91 -15.68
CA ASP C 5 -36.85 -8.17 -16.22
C ASP C 5 -37.27 -8.34 -17.68
N LYS C 6 -38.52 -8.00 -17.99
CA LYS C 6 -38.99 -8.11 -19.37
C LYS C 6 -38.12 -7.28 -20.31
N HIS C 7 -37.80 -6.06 -19.92
CA HIS C 7 -36.95 -5.21 -20.74
C HIS C 7 -35.57 -5.82 -20.94
N ILE C 8 -34.95 -6.26 -19.84
CA ILE C 8 -33.58 -6.76 -19.92
C ILE C 8 -33.51 -8.00 -20.79
N LYS C 9 -34.48 -8.90 -20.65
CA LYS C 9 -34.50 -10.14 -21.41
C LYS C 9 -34.78 -9.86 -22.88
N GLU C 10 -35.72 -8.94 -23.17
CA GLU C 10 -35.86 -8.50 -24.55
C GLU C 10 -34.54 -8.02 -25.12
N TYR C 11 -33.78 -7.23 -24.35
CA TYR C 11 -32.53 -6.66 -24.84
C TYR C 11 -31.49 -7.75 -25.09
N LEU C 12 -31.37 -8.69 -24.15
CA LEU C 12 -30.50 -9.84 -24.35
C LEU C 12 -30.81 -10.56 -25.66
N ASN C 13 -32.11 -10.70 -25.98
CA ASN C 13 -32.46 -11.33 -27.24
C ASN C 13 -32.03 -10.48 -28.42
N LYS C 14 -32.18 -9.15 -28.35
CA LYS C 14 -31.77 -8.26 -29.43
C LYS C 14 -30.26 -8.28 -29.66
N ILE C 15 -29.45 -8.38 -28.61
CA ILE C 15 -28.01 -8.31 -28.86
C ILE C 15 -27.44 -9.67 -29.21
N GLN C 16 -28.17 -10.76 -28.92
CA GLN C 16 -27.83 -12.11 -29.36
C GLN C 16 -26.38 -12.46 -29.06
N ASN C 17 -25.57 -12.63 -30.09
CA ASN C 17 -24.22 -13.10 -29.84
C ASN C 17 -23.23 -11.97 -29.65
N SER C 18 -23.65 -10.70 -29.73
CA SER C 18 -22.74 -9.63 -29.36
C SER C 18 -22.55 -9.55 -27.84
N LEU C 19 -23.43 -10.19 -27.07
CA LEU C 19 -23.24 -10.30 -25.62
C LEU C 19 -21.87 -10.89 -25.31
N SER C 20 -21.15 -10.26 -24.40
CA SER C 20 -19.78 -10.66 -24.09
C SER C 20 -19.47 -10.34 -22.64
N THR C 21 -18.22 -10.59 -22.25
CA THR C 21 -17.78 -10.18 -20.92
C THR C 21 -17.57 -8.68 -20.79
N GLU C 22 -17.67 -7.92 -21.89
CA GLU C 22 -17.63 -6.46 -21.83
C GLU C 22 -19.06 -5.91 -21.70
N TRP C 23 -19.20 -4.76 -21.03
CA TRP C 23 -20.54 -4.18 -20.86
C TRP C 23 -21.10 -3.85 -22.23
N SER C 24 -22.36 -4.23 -22.45
CA SER C 24 -23.05 -3.85 -23.67
C SER C 24 -23.28 -2.33 -23.73
N PRO C 25 -23.63 -1.80 -24.91
CA PRO C 25 -24.21 -0.46 -24.97
C PRO C 25 -25.48 -0.38 -24.13
N CYS C 26 -25.84 0.84 -23.77
CA CYS C 26 -27.13 1.09 -23.15
C CYS C 26 -28.27 0.61 -24.04
N SER C 27 -29.29 0.02 -23.43
CA SER C 27 -30.43 -0.51 -24.18
C SER C 27 -31.34 0.58 -24.74
N VAL C 28 -31.19 1.83 -24.28
CA VAL C 28 -32.03 2.93 -24.74
C VAL C 28 -31.19 4.12 -25.18
N THR C 29 -31.86 5.03 -25.92
CA THR C 29 -31.29 6.29 -26.37
C THR C 29 -31.64 7.45 -25.47
N CYS C 30 -32.76 7.36 -24.75
CA CYS C 30 -33.24 8.41 -23.85
C CYS C 30 -33.77 7.75 -22.60
N GLY C 31 -33.64 8.43 -21.49
CA GLY C 31 -34.15 7.89 -20.25
C GLY C 31 -33.22 6.82 -19.69
N ASN C 32 -33.81 5.95 -18.87
CA ASN C 32 -33.05 4.90 -18.22
C ASN C 32 -33.16 3.60 -19.01
N GLY C 33 -32.04 2.90 -19.09
CA GLY C 33 -32.03 1.60 -19.73
C GLY C 33 -31.11 0.67 -18.97
N ILE C 34 -30.67 -0.41 -19.60
CA ILE C 34 -29.79 -1.36 -18.95
C ILE C 34 -28.54 -1.56 -19.82
N GLN C 35 -27.43 -1.92 -19.16
CA GLN C 35 -26.29 -2.55 -19.83
C GLN C 35 -26.10 -3.92 -19.22
N VAL C 36 -25.65 -4.87 -20.03
CA VAL C 36 -25.51 -6.25 -19.58
C VAL C 36 -24.12 -6.78 -19.96
N ARG C 37 -23.64 -7.72 -19.17
CA ARG C 37 -22.42 -8.44 -19.55
C ARG C 37 -22.49 -9.88 -19.04
N ILE C 38 -21.69 -10.75 -19.64
CA ILE C 38 -21.45 -12.06 -19.05
C ILE C 38 -20.53 -11.84 -17.84
N LYS C 39 -20.96 -12.35 -16.69
CA LYS C 39 -20.17 -12.24 -15.46
C LYS C 39 -18.76 -12.77 -15.74
N PRO C 40 -17.71 -12.10 -15.23
CA PRO C 40 -16.35 -12.63 -15.52
C PRO C 40 -16.21 -14.12 -15.25
N GLY C 41 -16.74 -14.62 -14.13
CA GLY C 41 -16.58 -16.01 -13.77
C GLY C 41 -17.37 -16.97 -14.61
N SER C 42 -18.24 -16.46 -15.47
CA SER C 42 -19.02 -17.29 -16.36
C SER C 42 -18.48 -17.27 -17.78
N ALA C 43 -17.27 -16.73 -17.99
CA ALA C 43 -16.77 -16.56 -19.36
C ALA C 43 -16.61 -17.88 -20.10
N ASN C 44 -16.45 -19.00 -19.39
CA ASN C 44 -16.25 -20.29 -20.05
C ASN C 44 -17.54 -21.04 -20.33
N LYS C 45 -18.67 -20.48 -19.94
CA LYS C 45 -19.93 -21.18 -20.13
C LYS C 45 -20.34 -21.11 -21.60
N PRO C 46 -20.79 -22.22 -22.18
CA PRO C 46 -21.36 -22.13 -23.53
C PRO C 46 -22.50 -21.10 -23.52
N LYS C 47 -22.61 -20.33 -24.59
CA LYS C 47 -23.64 -19.29 -24.63
C LYS C 47 -25.02 -19.85 -24.39
N ASP C 48 -25.31 -21.04 -24.95
CA ASP C 48 -26.62 -21.65 -24.84
C ASP C 48 -26.92 -22.11 -23.42
N GLU C 49 -25.92 -22.16 -22.54
CA GLU C 49 -26.14 -22.60 -21.17
C GLU C 49 -26.14 -21.45 -20.18
N LEU C 50 -26.05 -20.20 -20.65
CA LEU C 50 -26.01 -19.06 -19.74
C LEU C 50 -27.36 -18.88 -19.05
N ASP C 51 -27.32 -18.61 -17.77
CA ASP C 51 -28.51 -18.41 -16.95
C ASP C 51 -28.69 -16.92 -16.71
N TYR C 52 -29.93 -16.43 -16.87
CA TYR C 52 -30.20 -15.00 -16.69
C TYR C 52 -29.81 -14.54 -15.29
N ALA C 53 -30.26 -15.26 -14.27
CA ALA C 53 -30.06 -14.81 -12.91
C ALA C 53 -28.59 -14.89 -12.49
N ASN C 54 -27.90 -15.98 -12.86
CA ASN C 54 -26.60 -16.24 -12.26
C ASN C 54 -25.41 -15.89 -13.13
N ASP C 55 -25.58 -15.80 -14.44
CA ASP C 55 -24.46 -15.56 -15.34
C ASP C 55 -24.45 -14.19 -16.00
N ILE C 56 -25.57 -13.46 -16.00
CA ILE C 56 -25.66 -12.16 -16.64
C ILE C 56 -25.69 -11.10 -15.56
N GLU C 57 -24.75 -10.17 -15.61
CA GLU C 57 -24.75 -9.03 -14.71
C GLU C 57 -25.35 -7.80 -15.42
N LYS C 58 -25.88 -6.88 -14.61
CA LYS C 58 -26.68 -5.78 -15.08
C LYS C 58 -26.24 -4.51 -14.38
N LYS C 59 -26.36 -3.39 -15.10
CA LYS C 59 -26.18 -2.08 -14.53
C LYS C 59 -27.14 -1.14 -15.25
N ILE C 60 -27.67 -0.20 -14.50
CA ILE C 60 -28.52 0.82 -15.12
C ILE C 60 -27.66 1.79 -15.90
N CYS C 61 -28.22 2.30 -17.00
CA CYS C 61 -27.62 3.41 -17.73
C CYS C 61 -28.65 4.53 -17.79
N LYS C 62 -28.18 5.74 -17.50
CA LYS C 62 -29.01 6.94 -17.45
C LYS C 62 -28.61 7.83 -18.60
N MET C 63 -29.45 7.90 -19.63
CA MET C 63 -29.24 8.81 -20.74
C MET C 63 -30.01 10.12 -20.49
N GLU C 64 -29.86 11.07 -21.41
CA GLU C 64 -30.57 12.33 -21.27
C GLU C 64 -32.07 12.09 -21.37
N LYS C 65 -32.84 12.89 -20.63
CA LYS C 65 -34.29 12.72 -20.57
C LYS C 65 -34.97 12.72 -21.93
#